data_3PE0
#
_entry.id   3PE0
#
_cell.length_a   72.650
_cell.length_b   108.512
_cell.length_c   112.139
_cell.angle_alpha   90.00
_cell.angle_beta   90.00
_cell.angle_gamma   90.00
#
_symmetry.space_group_name_H-M   'P 21 21 21'
#
loop_
_entity.id
_entity.type
_entity.pdbx_description
1 polymer Plectin
2 non-polymer 'CALCIUM ION'
#
_entity_poly.entity_id   1
_entity_poly.type   'polypeptide(L)'
_entity_poly.pdbx_seq_one_letter_code
;GSHMRSLESLHSFVAAATKELMWLNEKEEEEVGFDWSDRNTNMTAKKESYSALMRELELKEKKIKELQNAGDRLLREDHP
ARPTVESFQAALQTQWSWMLQLCCCIEAHLKENAAYFQFFSDVREAEGQLQKLQEALRRKYSCDRSATVTRLEDLLQDAQ
DEKEQLNEYKGHLSGLAKRAKAVVQLKPRHPAHPMRGRLPLLAVCDYKQVEVTVHKGDECQLVGPAQPSHWKVLSSSGSE
AAVPSVCFLVPPPNQEAQEAVTRLEAQHQALVTLWHQLHVDMK
;
_entity_poly.pdbx_strand_id   A,B
#
loop_
_chem_comp.id
_chem_comp.type
_chem_comp.name
_chem_comp.formula
CA non-polymer 'CALCIUM ION' 'Ca 2'
#
# COMPACT_ATOMS: atom_id res chain seq x y z
N LEU A 7 -3.20 -24.49 63.95
CA LEU A 7 -4.08 -23.45 64.45
C LEU A 7 -4.34 -22.35 63.44
N GLU A 8 -5.13 -21.37 63.87
CA GLU A 8 -5.54 -20.22 63.07
C GLU A 8 -4.34 -19.48 62.51
N SER A 9 -3.25 -19.45 63.30
CA SER A 9 -2.01 -18.81 62.88
C SER A 9 -1.49 -19.45 61.59
N LEU A 10 -1.33 -20.77 61.63
CA LEU A 10 -0.87 -21.54 60.49
C LEU A 10 -1.81 -21.42 59.30
N HIS A 11 -3.11 -21.57 59.55
CA HIS A 11 -4.08 -21.53 58.45
C HIS A 11 -4.06 -20.20 57.69
N SER A 12 -3.93 -19.10 58.44
CA SER A 12 -3.79 -17.77 57.86
C SER A 12 -2.52 -17.65 57.01
N PHE A 13 -1.43 -18.24 57.50
CA PHE A 13 -0.19 -18.28 56.72
C PHE A 13 -0.35 -19.08 55.42
N VAL A 14 -0.86 -20.30 55.53
CA VAL A 14 -1.04 -21.14 54.35
C VAL A 14 -1.97 -20.45 53.35
N ALA A 15 -3.06 -19.90 53.87
CA ALA A 15 -4.04 -19.21 53.04
C ALA A 15 -3.42 -18.04 52.28
N ALA A 16 -2.68 -17.20 52.99
CA ALA A 16 -2.05 -16.00 52.42
C ALA A 16 -0.98 -16.35 51.40
N ALA A 17 -0.14 -17.33 51.74
CA ALA A 17 0.91 -17.78 50.84
C ALA A 17 0.32 -18.39 49.57
N THR A 18 -0.81 -19.08 49.70
CA THR A 18 -1.45 -19.67 48.53
C THR A 18 -1.95 -18.58 47.59
N LYS A 19 -2.48 -17.48 48.14
CA LYS A 19 -2.96 -16.37 47.31
C LYS A 19 -1.83 -15.76 46.49
N GLU A 20 -0.70 -15.52 47.14
CA GLU A 20 0.46 -14.93 46.47
C GLU A 20 1.06 -15.87 45.43
N LEU A 21 1.07 -17.17 45.74
CA LEU A 21 1.56 -18.17 44.80
C LEU A 21 0.65 -18.26 43.58
N MET A 22 -0.65 -18.03 43.79
CA MET A 22 -1.60 -18.01 42.69
C MET A 22 -1.30 -16.85 41.75
N TRP A 23 -1.13 -15.66 42.32
CA TRP A 23 -0.82 -14.47 41.55
C TRP A 23 0.44 -14.66 40.71
N LEU A 24 1.51 -15.09 41.36
CA LEU A 24 2.80 -15.29 40.69
C LEU A 24 2.70 -16.31 39.56
N ASN A 25 2.02 -17.42 39.81
CA ASN A 25 1.85 -18.44 38.78
C ASN A 25 1.05 -17.89 37.62
N GLU A 26 0.09 -17.02 37.91
CA GLU A 26 -0.69 -16.36 36.86
C GLU A 26 0.21 -15.50 35.99
N LYS A 27 1.00 -14.64 36.62
CA LYS A 27 1.89 -13.74 35.87
C LYS A 27 2.90 -14.51 35.05
N GLU A 28 3.41 -15.61 35.62
CA GLU A 28 4.38 -16.47 34.92
C GLU A 28 3.80 -17.04 33.63
N GLU A 29 2.56 -17.52 33.70
CA GLU A 29 1.93 -18.09 32.52
C GLU A 29 1.72 -17.01 31.46
N GLU A 30 1.45 -15.78 31.89
CA GLU A 30 1.28 -14.68 30.96
C GLU A 30 2.58 -14.42 30.20
N GLU A 31 3.68 -14.30 30.95
CA GLU A 31 4.95 -13.89 30.35
C GLU A 31 5.64 -14.98 29.54
N VAL A 32 5.57 -16.23 30.01
CA VAL A 32 6.16 -17.35 29.28
C VAL A 32 5.52 -17.52 27.92
N GLY A 33 4.20 -17.67 27.91
CA GLY A 33 3.46 -17.86 26.68
C GLY A 33 3.21 -16.58 25.92
N PHE A 34 4.08 -15.58 26.11
CA PHE A 34 3.90 -14.31 25.41
C PHE A 34 4.50 -14.37 24.01
N ASP A 35 3.88 -13.69 23.05
CA ASP A 35 4.34 -13.69 21.66
C ASP A 35 5.38 -12.60 21.38
N TRP A 36 6.67 -12.94 21.48
CA TRP A 36 7.74 -11.99 21.22
C TRP A 36 8.26 -12.08 19.79
N SER A 37 7.43 -12.53 18.86
CA SER A 37 7.91 -12.79 17.51
C SER A 37 7.51 -11.71 16.50
N ASP A 38 7.86 -11.97 15.25
CA ASP A 38 7.54 -11.11 14.12
C ASP A 38 6.09 -10.61 14.17
N ARG A 39 5.17 -11.53 14.45
CA ARG A 39 3.73 -11.28 14.34
C ARG A 39 3.20 -10.22 15.31
N ASN A 40 3.80 -10.14 16.49
CA ASN A 40 3.34 -9.23 17.53
C ASN A 40 3.99 -7.85 17.45
N THR A 41 3.20 -6.87 17.05
CA THR A 41 3.69 -5.53 16.76
C THR A 41 3.40 -4.51 17.87
N ASN A 42 2.42 -4.81 18.70
CA ASN A 42 1.97 -3.86 19.73
C ASN A 42 2.96 -3.69 20.88
N MET A 43 4.17 -3.23 20.54
CA MET A 43 5.25 -3.07 21.53
C MET A 43 4.97 -1.96 22.53
N THR A 44 4.19 -0.97 22.13
CA THR A 44 3.86 0.12 23.03
C THR A 44 2.94 -0.40 24.13
N ALA A 45 1.98 -1.24 23.75
CA ALA A 45 1.05 -1.85 24.71
C ALA A 45 1.79 -2.77 25.67
N LYS A 46 2.76 -3.52 25.15
CA LYS A 46 3.57 -4.37 26.02
C LYS A 46 4.39 -3.54 26.98
N LYS A 47 4.91 -2.42 26.51
CA LYS A 47 5.70 -1.50 27.34
C LYS A 47 4.87 -0.97 28.52
N GLU A 48 3.65 -0.54 28.20
CA GLU A 48 2.73 -0.01 29.21
C GLU A 48 2.34 -1.08 30.23
N SER A 49 1.96 -2.25 29.72
CA SER A 49 1.61 -3.40 30.55
C SER A 49 2.74 -3.76 31.51
N TYR A 50 3.94 -3.93 30.94
CA TYR A 50 5.13 -4.25 31.70
C TYR A 50 5.39 -3.23 32.80
N SER A 51 5.37 -1.95 32.45
CA SER A 51 5.54 -0.90 33.43
C SER A 51 4.56 -1.09 34.59
N ALA A 52 3.29 -1.34 34.24
CA ALA A 52 2.27 -1.57 35.26
C ALA A 52 2.59 -2.76 36.16
N LEU A 53 3.05 -3.84 35.55
CA LEU A 53 3.44 -5.05 36.29
C LEU A 53 4.52 -4.70 37.30
N MET A 54 5.45 -3.85 36.86
CA MET A 54 6.55 -3.41 37.71
C MET A 54 5.99 -2.75 38.96
N ARG A 55 5.05 -1.83 38.78
CA ARG A 55 4.44 -1.15 39.92
C ARG A 55 3.78 -2.15 40.87
N GLU A 56 3.11 -3.15 40.30
CA GLU A 56 2.46 -4.18 41.10
C GLU A 56 3.48 -4.96 41.94
N LEU A 57 4.65 -5.22 41.34
CA LEU A 57 5.69 -5.99 42.01
C LEU A 57 6.36 -5.22 43.16
N GLU A 58 6.55 -3.92 42.96
CA GLU A 58 7.14 -3.07 43.98
C GLU A 58 6.32 -3.07 45.27
N LEU A 59 5.00 -3.13 45.11
CA LEU A 59 4.11 -3.24 46.27
C LEU A 59 4.10 -4.66 46.82
N LYS A 60 4.00 -5.63 45.91
CA LYS A 60 3.95 -7.04 46.25
C LYS A 60 5.16 -7.48 47.07
N GLU A 61 6.30 -6.82 46.84
CA GLU A 61 7.53 -7.20 47.54
C GLU A 61 7.34 -7.17 49.05
N LYS A 62 6.66 -6.14 49.53
CA LYS A 62 6.44 -5.93 50.95
C LYS A 62 5.58 -7.05 51.54
N LYS A 63 4.50 -7.40 50.84
CA LYS A 63 3.61 -8.46 51.30
C LYS A 63 4.38 -9.78 51.42
N ILE A 64 5.15 -10.11 50.41
CA ILE A 64 5.88 -11.37 50.43
C ILE A 64 6.95 -11.41 51.52
N LYS A 65 7.66 -10.29 51.73
CA LYS A 65 8.60 -10.23 52.85
C LYS A 65 7.89 -10.45 54.18
N GLU A 66 6.68 -9.89 54.29
CA GLU A 66 5.85 -10.08 55.48
C GLU A 66 5.51 -11.55 55.67
N LEU A 67 5.08 -12.21 54.60
CA LEU A 67 4.76 -13.63 54.65
C LEU A 67 5.94 -14.47 55.11
N GLN A 68 7.12 -14.22 54.53
CA GLN A 68 8.33 -14.92 54.95
C GLN A 68 8.54 -14.81 56.46
N ASN A 69 8.41 -13.60 56.99
CA ASN A 69 8.53 -13.38 58.43
C ASN A 69 7.50 -14.17 59.25
N ALA A 70 6.25 -14.15 58.82
CA ALA A 70 5.18 -14.89 59.47
C ALA A 70 5.52 -16.38 59.52
N GLY A 71 6.07 -16.89 58.42
CA GLY A 71 6.52 -18.26 58.35
C GLY A 71 7.64 -18.56 59.33
N ASP A 72 8.66 -17.70 59.36
CA ASP A 72 9.76 -17.85 60.31
C ASP A 72 9.26 -17.89 61.75
N ARG A 73 8.27 -17.04 62.06
CA ARG A 73 7.67 -17.04 63.38
C ARG A 73 7.12 -18.43 63.72
N LEU A 74 6.33 -18.98 62.82
CA LEU A 74 5.76 -20.31 62.98
C LEU A 74 6.81 -21.40 63.15
N LEU A 75 7.99 -21.19 62.59
CA LEU A 75 9.06 -22.18 62.67
C LEU A 75 9.71 -22.25 64.05
N ARG A 76 9.62 -21.17 64.82
CA ARG A 76 10.25 -21.14 66.15
C ARG A 76 9.67 -22.21 67.06
N GLU A 77 8.34 -22.37 67.00
CA GLU A 77 7.67 -23.43 67.74
C GLU A 77 7.44 -24.62 66.82
N ASP A 78 8.22 -25.67 66.99
CA ASP A 78 8.21 -26.82 66.07
C ASP A 78 6.80 -27.43 65.89
N HIS A 79 6.23 -27.24 64.71
CA HIS A 79 4.95 -27.83 64.37
C HIS A 79 5.15 -29.22 63.78
N PRO A 80 4.07 -30.01 63.71
CA PRO A 80 4.07 -31.19 62.84
C PRO A 80 3.80 -30.73 61.41
N ALA A 81 3.65 -29.41 61.26
CA ALA A 81 3.36 -28.80 59.97
C ALA A 81 4.58 -28.04 59.43
N ARG A 82 5.70 -28.12 60.15
CA ARG A 82 6.94 -27.49 59.72
C ARG A 82 7.28 -27.76 58.25
N PRO A 83 7.26 -29.04 57.84
CA PRO A 83 7.67 -29.42 56.47
C PRO A 83 6.93 -28.66 55.37
N THR A 84 5.61 -28.55 55.49
CA THR A 84 4.82 -27.84 54.48
C THR A 84 4.94 -26.32 54.63
N VAL A 85 5.32 -25.83 55.81
CA VAL A 85 5.61 -24.40 55.95
C VAL A 85 6.91 -24.04 55.26
N GLU A 86 7.98 -24.80 55.55
CA GLU A 86 9.24 -24.60 54.86
C GLU A 86 9.04 -24.70 53.35
N SER A 87 8.19 -25.63 52.94
CA SER A 87 7.88 -25.87 51.53
C SER A 87 7.30 -24.64 50.84
N PHE A 88 6.36 -23.98 51.52
CA PHE A 88 5.71 -22.79 51.02
C PHE A 88 6.67 -21.61 51.03
N GLN A 89 7.50 -21.54 52.06
CA GLN A 89 8.52 -20.50 52.14
C GLN A 89 9.44 -20.58 50.92
N ALA A 90 9.92 -21.78 50.63
CA ALA A 90 10.81 -22.00 49.50
C ALA A 90 10.12 -21.70 48.18
N ALA A 91 8.84 -22.06 48.08
CA ALA A 91 8.09 -21.83 46.86
C ALA A 91 7.93 -20.34 46.58
N LEU A 92 7.77 -19.54 47.63
CA LEU A 92 7.63 -18.10 47.47
C LEU A 92 8.94 -17.48 47.03
N GLN A 93 10.04 -17.86 47.66
CA GLN A 93 11.33 -17.34 47.29
C GLN A 93 11.64 -17.67 45.84
N THR A 94 11.46 -18.94 45.49
CA THR A 94 11.73 -19.42 44.14
C THR A 94 10.92 -18.68 43.08
N GLN A 95 9.60 -18.65 43.25
CA GLN A 95 8.73 -18.04 42.26
C GLN A 95 8.95 -16.54 42.20
N TRP A 96 9.17 -15.92 43.35
CA TRP A 96 9.46 -14.50 43.37
C TRP A 96 10.68 -14.16 42.54
N SER A 97 11.77 -14.90 42.71
CA SER A 97 13.00 -14.60 41.98
C SER A 97 12.83 -14.85 40.48
N TRP A 98 12.17 -15.95 40.15
CA TRP A 98 11.94 -16.32 38.78
C TRP A 98 11.09 -15.26 38.09
N MET A 99 10.23 -14.62 38.86
CA MET A 99 9.42 -13.53 38.35
C MET A 99 10.32 -12.39 37.90
N LEU A 100 11.26 -12.00 38.76
CA LEU A 100 12.19 -10.94 38.43
C LEU A 100 13.00 -11.30 37.20
N GLN A 101 13.47 -12.54 37.14
CA GLN A 101 14.18 -13.02 35.94
C GLN A 101 13.35 -12.89 34.65
N LEU A 102 12.08 -13.29 34.70
CA LEU A 102 11.16 -13.04 33.59
C LEU A 102 11.15 -11.56 33.21
N CYS A 103 11.24 -10.69 34.21
CA CYS A 103 11.30 -9.26 33.96
C CYS A 103 12.55 -8.87 33.16
N CYS A 104 13.68 -9.50 33.45
CA CYS A 104 14.90 -9.28 32.68
C CYS A 104 14.65 -9.63 31.21
N CYS A 105 13.93 -10.73 31.01
CA CYS A 105 13.59 -11.13 29.66
C CYS A 105 12.76 -10.05 28.98
N ILE A 106 11.77 -9.52 29.68
CA ILE A 106 10.92 -8.48 29.11
C ILE A 106 11.73 -7.24 28.75
N GLU A 107 12.67 -6.84 29.61
CA GLU A 107 13.53 -5.70 29.34
C GLU A 107 14.24 -5.85 28.01
N ALA A 108 14.94 -6.98 27.87
CA ALA A 108 15.70 -7.30 26.67
C ALA A 108 14.82 -7.38 25.43
N HIS A 109 13.66 -8.02 25.53
CA HIS A 109 12.81 -8.18 24.36
C HIS A 109 12.21 -6.87 23.90
N LEU A 110 11.75 -6.04 24.82
CA LEU A 110 11.25 -4.71 24.47
C LEU A 110 12.32 -3.92 23.72
N LYS A 111 13.53 -3.91 24.25
CA LYS A 111 14.62 -3.16 23.64
C LYS A 111 14.86 -3.58 22.18
N GLU A 112 15.35 -4.81 22.02
CA GLU A 112 15.75 -5.37 20.73
C GLU A 112 14.62 -5.42 19.71
N ASN A 113 13.43 -5.79 20.17
CA ASN A 113 12.26 -5.87 19.32
C ASN A 113 11.81 -4.52 18.79
N ALA A 114 11.77 -3.53 19.69
CA ALA A 114 11.43 -2.17 19.29
C ALA A 114 12.42 -1.70 18.24
N ALA A 115 13.68 -2.03 18.44
CA ALA A 115 14.74 -1.68 17.50
C ALA A 115 14.56 -2.35 16.15
N TYR A 116 14.09 -3.60 16.16
CA TYR A 116 13.86 -4.39 14.96
C TYR A 116 12.77 -3.74 14.11
N PHE A 117 11.65 -3.43 14.73
CA PHE A 117 10.53 -2.81 14.03
C PHE A 117 10.88 -1.42 13.51
N GLN A 118 11.63 -0.68 14.31
CA GLN A 118 12.10 0.64 13.90
C GLN A 118 13.02 0.57 12.69
N PHE A 119 13.97 -0.37 12.72
CA PHE A 119 14.90 -0.57 11.62
C PHE A 119 14.16 -0.86 10.32
N PHE A 120 13.26 -1.85 10.35
CA PHE A 120 12.55 -2.21 9.11
C PHE A 120 11.66 -1.09 8.60
N SER A 121 11.06 -0.35 9.52
CA SER A 121 10.31 0.84 9.16
C SER A 121 11.20 1.84 8.41
N ASP A 122 12.42 2.04 8.90
CA ASP A 122 13.34 2.97 8.27
C ASP A 122 13.76 2.47 6.90
N VAL A 123 13.83 1.15 6.74
CA VAL A 123 14.15 0.55 5.45
C VAL A 123 13.05 0.84 4.45
N ARG A 124 11.81 0.74 4.89
CA ARG A 124 10.66 1.08 4.04
C ARG A 124 10.68 2.55 3.67
N GLU A 125 11.04 3.40 4.62
CA GLU A 125 11.10 4.83 4.38
C GLU A 125 12.16 5.15 3.33
N ALA A 126 13.30 4.48 3.42
CA ALA A 126 14.42 4.70 2.50
C ALA A 126 14.10 4.22 1.08
N GLU A 127 13.56 3.01 0.98
CA GLU A 127 13.22 2.49 -0.34
C GLU A 127 12.15 3.37 -0.99
N GLY A 128 11.25 3.92 -0.18
CA GLY A 128 10.26 4.85 -0.68
C GLY A 128 10.89 6.02 -1.43
N GLN A 129 11.85 6.66 -0.80
CA GLN A 129 12.51 7.83 -1.36
C GLN A 129 13.36 7.47 -2.57
N LEU A 130 13.92 6.26 -2.58
CA LEU A 130 14.61 5.79 -3.78
C LEU A 130 13.63 5.62 -4.94
N GLN A 131 12.40 5.20 -4.65
CA GLN A 131 11.38 5.04 -5.68
C GLN A 131 10.97 6.39 -6.23
N LYS A 132 10.86 7.38 -5.34
CA LYS A 132 10.56 8.75 -5.74
C LYS A 132 11.63 9.28 -6.68
N LEU A 133 12.88 9.01 -6.34
CA LEU A 133 14.02 9.44 -7.14
C LEU A 133 14.03 8.81 -8.53
N GLN A 134 13.84 7.50 -8.57
CA GLN A 134 13.77 6.76 -9.81
C GLN A 134 12.67 7.34 -10.69
N GLU A 135 11.53 7.65 -10.08
CA GLU A 135 10.37 8.19 -10.78
C GLU A 135 10.68 9.54 -11.40
N ALA A 136 11.35 10.39 -10.63
CA ALA A 136 11.78 11.69 -11.13
C ALA A 136 12.66 11.54 -12.36
N LEU A 137 13.65 10.65 -12.28
CA LEU A 137 14.59 10.47 -13.38
C LEU A 137 13.89 9.95 -14.62
N ARG A 138 12.94 9.04 -14.41
CA ARG A 138 12.16 8.47 -15.49
C ARG A 138 11.33 9.55 -16.16
N ARG A 139 10.86 10.53 -15.40
CA ARG A 139 10.16 11.66 -15.97
C ARG A 139 11.11 12.53 -16.80
N LYS A 140 12.35 12.68 -16.35
CA LYS A 140 13.32 13.48 -17.09
C LYS A 140 13.64 12.87 -18.45
N TYR A 141 13.68 11.55 -18.53
CA TYR A 141 14.05 10.93 -19.81
C TYR A 141 12.88 10.40 -20.65
N SER A 142 11.66 10.44 -20.12
CA SER A 142 10.49 9.94 -20.84
C SER A 142 9.61 11.07 -21.36
N CYS A 143 9.40 12.09 -20.54
CA CYS A 143 8.47 13.15 -20.88
C CYS A 143 8.97 14.09 -21.97
N ASP A 144 8.05 14.87 -22.52
CA ASP A 144 8.34 15.75 -23.66
C ASP A 144 9.03 17.04 -23.18
N ARG A 145 10.31 17.16 -23.51
CA ARG A 145 11.10 18.34 -23.12
C ARG A 145 11.14 19.36 -24.25
N SER A 146 10.12 19.35 -25.09
CA SER A 146 10.09 20.21 -26.28
C SER A 146 9.69 21.65 -25.95
N ALA A 147 8.63 21.81 -25.17
CA ALA A 147 8.14 23.14 -24.82
C ALA A 147 9.22 23.96 -24.12
N THR A 148 9.32 25.23 -24.47
CA THR A 148 10.36 26.09 -23.91
C THR A 148 10.28 26.17 -22.39
N VAL A 149 9.09 26.04 -21.83
CA VAL A 149 8.92 26.07 -20.38
C VAL A 149 9.76 24.99 -19.72
N THR A 150 9.72 23.80 -20.32
CA THR A 150 10.48 22.66 -19.81
C THR A 150 11.99 22.89 -19.90
N ARG A 151 12.44 23.51 -21.00
CA ARG A 151 13.87 23.73 -21.19
C ARG A 151 14.41 24.76 -20.19
N LEU A 152 13.61 25.80 -19.96
CA LEU A 152 13.95 26.82 -18.97
C LEU A 152 13.99 26.22 -17.57
N GLU A 153 13.05 25.34 -17.27
CA GLU A 153 13.07 24.62 -16.00
C GLU A 153 14.39 23.86 -15.82
N ASP A 154 14.84 23.18 -16.87
CA ASP A 154 16.10 22.43 -16.82
C ASP A 154 17.30 23.34 -16.57
N LEU A 155 17.29 24.51 -17.21
CA LEU A 155 18.37 25.48 -17.02
C LEU A 155 18.38 26.02 -15.59
N LEU A 156 17.20 26.16 -15.01
CA LEU A 156 17.07 26.67 -13.65
C LEU A 156 17.45 25.62 -12.60
N GLN A 157 17.68 24.38 -13.06
CA GLN A 157 17.93 23.25 -12.16
C GLN A 157 19.40 22.98 -11.91
N ASP A 158 19.75 22.89 -10.62
CA ASP A 158 21.13 22.66 -10.19
C ASP A 158 21.45 21.16 -10.02
N ALA A 159 21.99 20.57 -11.08
CA ALA A 159 22.39 19.17 -11.07
C ALA A 159 23.44 18.84 -10.00
N GLN A 160 24.34 19.79 -9.70
CA GLN A 160 25.33 19.59 -8.65
C GLN A 160 24.66 19.41 -7.29
N ASP A 161 23.56 20.12 -7.09
CA ASP A 161 22.78 19.99 -5.87
C ASP A 161 22.10 18.61 -5.81
N GLU A 162 21.57 18.17 -6.96
CA GLU A 162 21.03 16.80 -7.04
C GLU A 162 22.09 15.73 -6.72
N LYS A 163 23.32 15.95 -7.20
CA LYS A 163 24.42 15.01 -6.97
C LYS A 163 24.82 14.96 -5.50
N GLU A 164 24.78 16.11 -4.84
CA GLU A 164 25.09 16.16 -3.42
C GLU A 164 24.00 15.46 -2.61
N GLN A 165 22.75 15.56 -3.06
CA GLN A 165 21.65 14.80 -2.48
C GLN A 165 21.94 13.31 -2.52
N LEU A 166 22.33 12.84 -3.71
CA LEU A 166 22.72 11.44 -3.89
C LEU A 166 23.85 10.99 -2.95
N ASN A 167 24.91 11.78 -2.83
CA ASN A 167 26.00 11.46 -1.91
C ASN A 167 25.54 11.31 -0.46
N GLU A 168 24.80 12.32 0.01
CA GLU A 168 24.25 12.30 1.35
C GLU A 168 23.50 11.00 1.57
N TYR A 169 22.74 10.58 0.57
CA TYR A 169 21.93 9.38 0.70
C TYR A 169 22.80 8.12 0.79
N LYS A 170 23.92 8.14 0.08
CA LYS A 170 24.88 7.03 0.17
C LYS A 170 25.31 6.88 1.63
N GLY A 171 25.61 8.01 2.28
CA GLY A 171 26.01 7.97 3.68
C GLY A 171 24.95 7.41 4.62
N HIS A 172 23.71 7.85 4.40
CA HIS A 172 22.57 7.36 5.17
C HIS A 172 22.48 5.84 5.04
N LEU A 173 22.59 5.35 3.80
CA LEU A 173 22.54 3.92 3.53
C LEU A 173 23.63 3.15 4.27
N SER A 174 24.82 3.73 4.35
CA SER A 174 25.92 3.13 5.10
C SER A 174 25.54 2.98 6.58
N GLY A 175 24.93 4.04 7.13
CA GLY A 175 24.46 4.01 8.50
C GLY A 175 23.48 2.87 8.74
N LEU A 176 22.57 2.67 7.78
CA LEU A 176 21.61 1.57 7.87
C LEU A 176 22.27 0.19 7.82
N ALA A 177 23.28 0.04 6.98
CA ALA A 177 24.01 -1.22 6.87
C ALA A 177 24.65 -1.56 8.21
N LYS A 178 25.23 -0.54 8.84
CA LYS A 178 25.85 -0.74 10.14
C LYS A 178 24.82 -1.19 11.17
N ARG A 179 23.67 -0.52 11.21
CA ARG A 179 22.60 -0.88 12.14
C ARG A 179 22.04 -2.29 11.93
N ALA A 180 21.99 -2.72 10.68
CA ALA A 180 21.46 -4.04 10.33
C ALA A 180 22.31 -5.18 10.90
N LYS A 181 23.61 -4.92 11.06
CA LYS A 181 24.50 -5.93 11.62
C LYS A 181 24.18 -6.28 13.08
N ALA A 182 23.31 -5.49 13.72
CA ALA A 182 23.00 -5.68 15.14
C ALA A 182 21.53 -5.99 15.42
N VAL A 183 20.73 -6.01 14.36
CA VAL A 183 19.32 -6.34 14.48
C VAL A 183 19.13 -7.84 14.79
N VAL A 184 18.34 -8.14 15.81
CA VAL A 184 18.10 -9.53 16.21
C VAL A 184 17.18 -10.24 15.21
N GLN A 185 16.93 -11.52 15.44
CA GLN A 185 16.01 -12.28 14.61
C GLN A 185 14.67 -12.51 15.34
N LEU A 186 13.58 -12.13 14.70
CA LEU A 186 12.26 -12.25 15.30
C LEU A 186 11.37 -13.27 14.60
N LYS A 187 11.60 -13.47 13.31
CA LYS A 187 10.80 -14.43 12.57
C LYS A 187 11.03 -15.87 13.04
N PRO A 188 12.29 -16.25 13.27
CA PRO A 188 12.61 -17.61 13.74
C PRO A 188 12.09 -17.96 15.14
N ARG A 189 11.21 -17.13 15.71
CA ARG A 189 10.68 -17.38 17.04
C ARG A 189 9.32 -18.09 17.02
N HIS A 190 8.55 -17.87 15.94
CA HIS A 190 7.22 -18.45 15.79
C HIS A 190 7.33 -19.95 15.50
N PRO A 191 6.41 -20.74 16.05
CA PRO A 191 6.42 -22.20 15.82
C PRO A 191 6.15 -22.55 14.36
N ALA A 192 5.68 -21.59 13.57
CA ALA A 192 5.39 -21.82 12.16
C ALA A 192 6.57 -21.45 11.27
N HIS A 193 7.79 -21.60 11.79
CA HIS A 193 8.99 -21.27 11.04
C HIS A 193 9.76 -22.53 10.67
N PRO A 194 10.17 -22.65 9.41
CA PRO A 194 10.92 -23.82 8.94
C PRO A 194 12.39 -23.76 9.34
N MET A 195 12.85 -24.75 10.12
CA MET A 195 14.24 -24.81 10.55
C MET A 195 15.11 -25.55 9.54
N ARG A 196 16.07 -24.86 8.95
CA ARG A 196 17.02 -25.48 8.02
C ARG A 196 18.40 -25.55 8.66
N GLY A 197 18.42 -25.87 9.95
CA GLY A 197 19.65 -25.92 10.72
C GLY A 197 19.43 -25.46 12.15
N ARG A 198 20.50 -25.38 12.92
CA ARG A 198 20.40 -24.96 14.31
C ARG A 198 20.65 -23.46 14.47
N LEU A 199 19.93 -22.84 15.42
CA LEU A 199 20.01 -21.39 15.61
C LEU A 199 20.87 -20.99 16.80
N PRO A 200 21.61 -19.88 16.66
CA PRO A 200 22.32 -19.31 17.81
C PRO A 200 21.33 -18.65 18.76
N LEU A 201 21.48 -18.91 20.05
CA LEU A 201 20.64 -18.31 21.07
C LEU A 201 21.47 -17.58 22.11
N LEU A 202 20.99 -16.42 22.55
CA LEU A 202 21.64 -15.70 23.64
C LEU A 202 20.71 -15.63 24.85
N ALA A 203 21.17 -16.15 25.99
CA ALA A 203 20.33 -16.14 27.19
C ALA A 203 20.23 -14.74 27.76
N VAL A 204 19.01 -14.28 28.04
CA VAL A 204 18.81 -12.95 28.64
C VAL A 204 18.36 -12.99 30.11
N CYS A 205 18.51 -14.15 30.75
CA CYS A 205 18.21 -14.27 32.18
C CYS A 205 18.78 -15.56 32.77
N ASP A 206 18.59 -15.73 34.08
CA ASP A 206 19.01 -16.96 34.77
C ASP A 206 17.88 -17.98 34.81
N TYR A 207 18.13 -19.16 34.25
CA TYR A 207 17.18 -20.26 34.36
C TYR A 207 17.87 -21.36 35.15
N LYS A 208 17.16 -22.04 36.02
CA LYS A 208 17.82 -22.98 36.93
C LYS A 208 16.98 -24.19 37.28
N GLN A 209 17.42 -25.37 36.83
CA GLN A 209 16.77 -26.62 37.21
C GLN A 209 17.70 -27.83 37.19
N VAL A 210 17.16 -28.98 37.56
CA VAL A 210 17.93 -30.22 37.67
C VAL A 210 18.77 -30.51 36.44
N GLU A 211 18.09 -30.77 35.32
CA GLU A 211 18.77 -31.12 34.08
C GLU A 211 19.73 -30.03 33.62
N VAL A 212 19.27 -28.77 33.66
CA VAL A 212 20.04 -27.68 33.09
C VAL A 212 20.03 -26.40 33.93
N THR A 213 21.14 -25.66 33.86
CA THR A 213 21.24 -24.33 34.43
C THR A 213 21.73 -23.36 33.35
N VAL A 214 20.97 -22.30 33.12
CA VAL A 214 21.32 -21.26 32.15
C VAL A 214 21.62 -19.95 32.86
N HIS A 215 22.72 -19.31 32.46
CA HIS A 215 23.09 -18.01 33.04
C HIS A 215 22.89 -16.86 32.05
N LYS A 216 22.65 -15.67 32.58
CA LYS A 216 22.48 -14.50 31.75
C LYS A 216 23.71 -14.37 30.88
N GLY A 217 23.51 -14.30 29.57
CA GLY A 217 24.62 -14.15 28.64
C GLY A 217 25.10 -15.47 28.06
N ASP A 218 24.72 -16.57 28.69
CA ASP A 218 25.06 -17.89 28.16
C ASP A 218 24.69 -17.98 26.68
N GLU A 219 25.61 -18.52 25.90
CA GLU A 219 25.42 -18.68 24.47
C GLU A 219 24.98 -20.12 24.21
N CYS A 220 23.80 -20.28 23.64
CA CYS A 220 23.22 -21.62 23.46
C CYS A 220 22.83 -21.89 22.01
N GLN A 221 22.38 -23.11 21.76
CA GLN A 221 21.89 -23.48 20.43
C GLN A 221 20.44 -23.91 20.51
N LEU A 222 19.62 -23.39 19.61
CA LEU A 222 18.24 -23.86 19.52
C LEU A 222 18.22 -25.18 18.77
N VAL A 223 17.57 -26.18 19.37
CA VAL A 223 17.47 -27.50 18.74
C VAL A 223 16.10 -27.72 18.13
N GLY A 224 15.04 -27.48 18.88
CA GLY A 224 13.70 -27.64 18.32
C GLY A 224 12.54 -27.49 19.27
N PRO A 225 11.34 -27.22 18.73
CA PRO A 225 10.16 -26.92 19.54
C PRO A 225 9.80 -28.05 20.51
N ALA A 226 9.62 -27.72 21.77
CA ALA A 226 9.15 -28.68 22.76
C ALA A 226 7.67 -28.42 22.99
N GLN A 227 7.23 -28.52 24.24
CA GLN A 227 5.87 -28.15 24.57
C GLN A 227 5.72 -26.66 24.33
N PRO A 228 4.52 -26.21 23.93
CA PRO A 228 4.24 -24.80 23.68
C PRO A 228 5.05 -23.86 24.56
N SER A 229 5.72 -22.88 23.94
CA SER A 229 6.45 -21.83 24.64
C SER A 229 7.82 -22.30 25.16
N HIS A 230 8.17 -23.53 24.84
CA HIS A 230 9.44 -24.10 25.25
C HIS A 230 10.25 -24.59 24.06
N TRP A 231 11.57 -24.51 24.21
CA TRP A 231 12.48 -24.99 23.18
C TRP A 231 13.42 -26.02 23.75
N LYS A 232 13.66 -27.08 23.00
CA LYS A 232 14.75 -28.00 23.30
C LYS A 232 16.01 -27.37 22.75
N VAL A 233 16.93 -27.03 23.66
CA VAL A 233 18.15 -26.31 23.32
C VAL A 233 19.41 -26.97 23.92
N LEU A 234 20.56 -26.55 23.40
CA LEU A 234 21.86 -27.04 23.84
C LEU A 234 22.67 -25.93 24.50
N SER A 235 23.11 -26.17 25.74
CA SER A 235 24.01 -25.26 26.44
C SER A 235 25.45 -25.53 26.06
N SER A 239 25.19 -29.96 27.36
CA SER A 239 23.96 -30.31 28.05
C SER A 239 22.72 -29.81 27.28
N GLU A 240 21.80 -30.73 26.99
CA GLU A 240 20.59 -30.42 26.22
C GLU A 240 19.32 -30.50 27.08
N ALA A 241 18.44 -29.51 26.93
CA ALA A 241 17.20 -29.49 27.71
C ALA A 241 16.16 -28.51 27.18
N ALA A 242 14.93 -28.61 27.69
CA ALA A 242 13.83 -27.76 27.27
C ALA A 242 13.65 -26.56 28.19
N VAL A 243 13.73 -25.36 27.61
CA VAL A 243 13.68 -24.12 28.36
C VAL A 243 12.63 -23.20 27.75
N PRO A 244 12.01 -22.34 28.58
CA PRO A 244 11.05 -21.36 28.04
C PRO A 244 11.69 -20.40 27.03
N SER A 245 11.08 -20.32 25.86
CA SER A 245 11.57 -19.48 24.78
C SER A 245 11.85 -18.03 25.19
N VAL A 246 11.15 -17.53 26.20
CA VAL A 246 11.37 -16.15 26.65
C VAL A 246 12.77 -15.90 27.22
N CYS A 247 13.49 -16.97 27.59
CA CYS A 247 14.80 -16.79 28.18
C CYS A 247 15.87 -16.45 27.16
N PHE A 248 15.49 -16.46 25.87
CA PHE A 248 16.48 -16.37 24.81
C PHE A 248 16.22 -15.32 23.75
N LEU A 249 17.28 -14.62 23.36
CA LEU A 249 17.29 -13.84 22.15
C LEU A 249 17.84 -14.70 21.03
N VAL A 250 17.31 -14.52 19.82
CA VAL A 250 17.96 -15.06 18.63
C VAL A 250 18.86 -13.94 18.10
N PRO A 251 20.14 -13.98 18.48
CA PRO A 251 21.09 -12.89 18.21
C PRO A 251 21.32 -12.73 16.73
N PRO A 252 21.93 -11.61 16.33
CA PRO A 252 22.36 -11.42 14.95
C PRO A 252 23.25 -12.59 14.55
N PRO A 253 23.54 -12.74 13.25
CA PRO A 253 23.12 -11.82 12.19
C PRO A 253 21.72 -12.08 11.64
N ASN A 254 20.96 -11.01 11.43
CA ASN A 254 19.72 -11.10 10.69
C ASN A 254 19.99 -10.93 9.21
N GLN A 255 19.88 -12.03 8.46
CA GLN A 255 20.19 -12.00 7.04
C GLN A 255 19.15 -11.25 6.22
N GLU A 256 17.89 -11.29 6.66
CA GLU A 256 16.85 -10.53 5.97
C GLU A 256 17.20 -9.04 5.99
N ALA A 257 17.55 -8.54 7.17
CA ALA A 257 17.94 -7.14 7.37
C ALA A 257 19.15 -6.72 6.56
N GLN A 258 20.23 -7.50 6.66
CA GLN A 258 21.47 -7.16 5.96
C GLN A 258 21.29 -7.17 4.45
N GLU A 259 20.58 -8.18 3.95
CA GLU A 259 20.29 -8.29 2.52
C GLU A 259 19.36 -7.16 2.07
N ALA A 260 18.49 -6.70 2.96
CA ALA A 260 17.59 -5.59 2.65
C ALA A 260 18.38 -4.31 2.41
N VAL A 261 19.33 -4.02 3.30
CA VAL A 261 20.16 -2.83 3.15
C VAL A 261 21.07 -2.95 1.91
N THR A 262 21.56 -4.15 1.62
CA THR A 262 22.36 -4.36 0.42
C THR A 262 21.54 -4.10 -0.85
N ARG A 263 20.29 -4.55 -0.83
CA ARG A 263 19.37 -4.34 -1.94
C ARG A 263 19.21 -2.83 -2.17
N LEU A 264 19.03 -2.09 -1.07
CA LEU A 264 18.93 -0.64 -1.12
C LEU A 264 20.16 0.00 -1.75
N GLU A 265 21.35 -0.42 -1.31
CA GLU A 265 22.59 0.15 -1.82
C GLU A 265 22.75 -0.12 -3.31
N ALA A 266 22.35 -1.29 -3.76
CA ALA A 266 22.45 -1.63 -5.18
C ALA A 266 21.51 -0.78 -6.02
N GLN A 267 20.27 -0.62 -5.54
CA GLN A 267 19.28 0.18 -6.26
C GLN A 267 19.75 1.63 -6.36
N HIS A 268 20.32 2.13 -5.27
CA HIS A 268 20.83 3.49 -5.21
C HIS A 268 22.01 3.69 -6.17
N GLN A 269 22.88 2.69 -6.25
CA GLN A 269 24.01 2.77 -7.18
C GLN A 269 23.50 2.83 -8.60
N ALA A 270 22.46 2.07 -8.88
CA ALA A 270 21.86 2.09 -10.21
C ALA A 270 21.30 3.48 -10.51
N LEU A 271 20.64 4.09 -9.53
CA LEU A 271 20.05 5.40 -9.74
C LEU A 271 21.12 6.46 -9.97
N VAL A 272 22.23 6.35 -9.25
CA VAL A 272 23.33 7.28 -9.42
C VAL A 272 23.90 7.17 -10.83
N THR A 273 24.10 5.92 -11.28
CA THR A 273 24.57 5.66 -12.63
C THR A 273 23.64 6.28 -13.68
N LEU A 274 22.33 6.12 -13.48
CA LEU A 274 21.34 6.68 -14.39
C LEU A 274 21.45 8.20 -14.44
N TRP A 275 21.64 8.80 -13.26
CA TRP A 275 21.73 10.24 -13.15
C TRP A 275 22.93 10.76 -13.93
N HIS A 276 24.08 10.10 -13.75
CA HIS A 276 25.29 10.49 -14.44
C HIS A 276 25.15 10.31 -15.94
N GLN A 277 24.40 9.30 -16.36
CA GLN A 277 24.18 9.06 -17.78
C GLN A 277 23.33 10.19 -18.39
N LEU A 278 22.41 10.73 -17.59
CA LEU A 278 21.55 11.80 -18.05
C LEU A 278 22.23 13.18 -17.98
N HIS A 279 23.23 13.31 -17.13
CA HIS A 279 23.82 14.63 -16.88
C HIS A 279 25.27 14.85 -17.36
N VAL A 280 25.88 13.80 -17.91
CA VAL A 280 27.26 13.89 -18.41
C VAL A 280 27.49 12.89 -19.55
N LEU B 7 -29.45 -8.14 21.69
CA LEU B 7 -30.32 -7.07 22.15
C LEU B 7 -30.54 -5.97 21.10
N GLU B 8 -31.36 -5.00 21.50
CA GLU B 8 -31.75 -3.87 20.67
C GLU B 8 -30.54 -3.12 20.14
N SER B 9 -29.49 -3.07 20.95
CA SER B 9 -28.23 -2.42 20.55
C SER B 9 -27.67 -3.09 19.29
N LEU B 10 -27.49 -4.40 19.38
CA LEU B 10 -26.97 -5.17 18.26
C LEU B 10 -27.87 -5.05 17.04
N HIS B 11 -29.18 -5.24 17.24
CA HIS B 11 -30.10 -5.23 16.10
C HIS B 11 -30.08 -3.89 15.34
N SER B 12 -30.01 -2.79 16.09
CA SER B 12 -29.88 -1.47 15.48
C SER B 12 -28.59 -1.37 14.67
N PHE B 13 -27.50 -1.93 15.19
CA PHE B 13 -26.24 -1.94 14.46
C PHE B 13 -26.34 -2.76 13.16
N VAL B 14 -26.82 -4.00 13.26
CA VAL B 14 -26.93 -4.84 12.09
C VAL B 14 -27.84 -4.18 11.06
N ALA B 15 -28.96 -3.65 11.54
CA ALA B 15 -29.93 -2.99 10.67
C ALA B 15 -29.32 -1.81 9.91
N ALA B 16 -28.61 -0.95 10.64
CA ALA B 16 -28.00 0.24 10.07
C ALA B 16 -26.89 -0.11 9.09
N ALA B 17 -26.04 -1.06 9.47
CA ALA B 17 -24.95 -1.50 8.61
C ALA B 17 -25.50 -2.10 7.34
N THR B 18 -26.63 -2.81 7.44
CA THR B 18 -27.22 -3.42 6.26
C THR B 18 -27.71 -2.36 5.28
N LYS B 19 -28.24 -1.26 5.81
CA LYS B 19 -28.73 -0.17 4.96
C LYS B 19 -27.58 0.44 4.16
N GLU B 20 -26.48 0.71 4.83
CA GLU B 20 -25.32 1.31 4.19
C GLU B 20 -24.69 0.34 3.18
N LEU B 21 -24.66 -0.94 3.53
CA LEU B 21 -24.13 -1.94 2.60
C LEU B 21 -25.00 -2.05 1.35
N MET B 22 -26.31 -1.84 1.52
CA MET B 22 -27.23 -1.85 0.39
C MET B 22 -26.90 -0.71 -0.56
N TRP B 23 -26.77 0.48 0.00
CA TRP B 23 -26.46 1.67 -0.79
C TRP B 23 -25.16 1.48 -1.59
N LEU B 24 -24.11 1.08 -0.88
CA LEU B 24 -22.79 0.90 -1.47
C LEU B 24 -22.83 -0.13 -2.61
N ASN B 25 -23.49 -1.26 -2.38
CA ASN B 25 -23.62 -2.28 -3.41
C ASN B 25 -24.40 -1.76 -4.61
N GLU B 26 -25.39 -0.91 -4.35
CA GLU B 26 -26.15 -0.30 -5.42
C GLU B 26 -25.24 0.57 -6.28
N LYS B 27 -24.48 1.46 -5.63
CA LYS B 27 -23.59 2.35 -6.39
C LYS B 27 -22.53 1.58 -7.16
N GLU B 28 -22.01 0.51 -6.56
CA GLU B 28 -21.02 -0.34 -7.20
C GLU B 28 -21.53 -0.93 -8.50
N GLU B 29 -22.76 -1.45 -8.48
CA GLU B 29 -23.35 -2.04 -9.68
C GLU B 29 -23.56 -0.97 -10.76
N GLU B 30 -23.85 0.25 -10.35
CA GLU B 30 -24.01 1.34 -11.30
C GLU B 30 -22.69 1.58 -12.02
N GLU B 31 -21.63 1.76 -11.24
CA GLU B 31 -20.33 2.18 -11.80
C GLU B 31 -19.61 1.10 -12.57
N VAL B 32 -19.68 -0.13 -12.08
CA VAL B 32 -19.04 -1.25 -12.77
C VAL B 32 -19.65 -1.47 -14.15
N GLY B 33 -20.96 -1.66 -14.18
CA GLY B 33 -21.67 -1.89 -15.42
C GLY B 33 -21.93 -0.61 -16.19
N PHE B 34 -21.12 0.41 -15.94
CA PHE B 34 -21.33 1.66 -16.66
C PHE B 34 -20.70 1.58 -18.04
N ASP B 35 -21.32 2.22 -19.03
CA ASP B 35 -20.83 2.17 -20.40
C ASP B 35 -19.85 3.30 -20.70
N TRP B 36 -18.55 3.00 -20.59
CA TRP B 36 -17.52 4.00 -20.85
C TRP B 36 -16.96 3.89 -22.27
N SER B 37 -17.76 3.36 -23.19
CA SER B 37 -17.26 3.10 -24.54
C SER B 37 -17.68 4.14 -25.57
N ASP B 38 -17.28 3.90 -26.81
CA ASP B 38 -17.62 4.72 -27.96
C ASP B 38 -19.09 5.17 -27.95
N ARG B 39 -19.99 4.22 -27.68
CA ARG B 39 -21.43 4.42 -27.81
C ARG B 39 -22.00 5.49 -26.88
N ASN B 40 -21.44 5.60 -25.68
CA ASN B 40 -21.95 6.52 -24.67
C ASN B 40 -21.33 7.92 -24.76
N THR B 41 -22.15 8.87 -25.21
CA THR B 41 -21.69 10.21 -25.52
C THR B 41 -22.03 11.23 -24.43
N ASN B 42 -23.03 10.92 -23.60
CA ASN B 42 -23.52 11.88 -22.61
C ASN B 42 -22.56 12.12 -21.44
N MET B 43 -21.38 12.62 -21.78
CA MET B 43 -20.33 12.86 -20.78
C MET B 43 -20.65 13.99 -19.80
N THR B 44 -21.43 14.97 -20.23
CA THR B 44 -21.80 16.06 -19.35
C THR B 44 -22.73 15.55 -18.26
N ALA B 45 -23.67 14.68 -18.65
CA ALA B 45 -24.59 14.07 -17.71
C ALA B 45 -23.87 13.16 -16.73
N LYS B 46 -22.84 12.46 -17.20
CA LYS B 46 -22.04 11.63 -16.31
C LYS B 46 -21.23 12.48 -15.34
N LYS B 47 -20.73 13.61 -15.80
CA LYS B 47 -19.99 14.57 -14.97
C LYS B 47 -20.88 15.06 -13.81
N GLU B 48 -22.10 15.46 -14.17
CA GLU B 48 -23.06 15.98 -13.19
C GLU B 48 -23.45 14.91 -12.17
N SER B 49 -23.79 13.74 -12.68
CA SER B 49 -24.13 12.60 -11.84
C SER B 49 -23.01 12.28 -10.85
N TYR B 50 -21.80 12.10 -11.37
CA TYR B 50 -20.61 11.83 -10.58
C TYR B 50 -20.43 12.88 -9.49
N SER B 51 -20.48 14.15 -9.86
CA SER B 51 -20.36 15.23 -8.87
C SER B 51 -21.37 15.05 -7.74
N ALA B 52 -22.61 14.78 -8.11
CA ALA B 52 -23.66 14.53 -7.11
C ALA B 52 -23.32 13.35 -6.20
N LEU B 53 -22.82 12.27 -6.79
CA LEU B 53 -22.41 11.09 -6.03
C LEU B 53 -21.37 11.48 -5.00
N MET B 54 -20.45 12.34 -5.41
CA MET B 54 -19.38 12.80 -4.55
C MET B 54 -19.97 13.48 -3.32
N ARG B 55 -20.93 14.37 -3.53
CA ARG B 55 -21.58 15.03 -2.41
C ARG B 55 -22.23 14.03 -1.47
N GLU B 56 -22.90 13.02 -2.04
CA GLU B 56 -23.53 11.97 -1.24
C GLU B 56 -22.50 11.24 -0.38
N LEU B 57 -21.31 11.00 -0.94
CA LEU B 57 -20.26 10.25 -0.25
C LEU B 57 -19.63 11.05 0.90
N GLU B 58 -19.46 12.34 0.70
CA GLU B 58 -18.92 13.22 1.71
C GLU B 58 -19.78 13.20 2.98
N LEU B 59 -21.09 13.12 2.82
CA LEU B 59 -22.01 13.00 3.94
C LEU B 59 -22.01 11.58 4.51
N LYS B 60 -22.04 10.62 3.61
CA LYS B 60 -22.08 9.21 3.98
C LYS B 60 -20.88 8.81 4.82
N GLU B 61 -19.74 9.46 4.60
CA GLU B 61 -18.52 9.13 5.34
C GLU B 61 -18.73 9.19 6.86
N LYS B 62 -19.45 10.22 7.30
CA LYS B 62 -19.72 10.43 8.73
C LYS B 62 -20.57 9.30 9.30
N LYS B 63 -21.62 8.92 8.57
CA LYS B 63 -22.50 7.83 9.01
C LYS B 63 -21.71 6.55 9.18
N ILE B 64 -20.90 6.21 8.20
CA ILE B 64 -20.14 4.97 8.25
C ILE B 64 -19.09 4.97 9.36
N LYS B 65 -18.41 6.10 9.57
CA LYS B 65 -17.49 6.19 10.71
C LYS B 65 -18.25 5.95 12.01
N GLU B 66 -19.47 6.49 12.08
CA GLU B 66 -20.32 6.30 13.26
C GLU B 66 -20.64 4.83 13.45
N LEU B 67 -21.02 4.15 12.38
CA LEU B 67 -21.30 2.73 12.44
C LEU B 67 -20.11 1.93 12.94
N GLN B 68 -18.94 2.19 12.40
CA GLN B 68 -17.72 1.52 12.86
C GLN B 68 -17.56 1.66 14.37
N ASN B 69 -17.73 2.88 14.88
CA ASN B 69 -17.64 3.11 16.32
C ASN B 69 -18.66 2.31 17.14
N ALA B 70 -19.90 2.28 16.67
CA ALA B 70 -20.97 1.54 17.32
C ALA B 70 -20.59 0.06 17.41
N GLY B 71 -19.99 -0.45 16.34
CA GLY B 71 -19.53 -1.82 16.30
C GLY B 71 -18.41 -2.08 17.28
N ASP B 72 -17.43 -1.18 17.31
CA ASP B 72 -16.34 -1.29 18.28
C ASP B 72 -16.87 -1.35 19.71
N ARG B 73 -17.88 -0.53 19.98
CA ARG B 73 -18.53 -0.52 21.30
C ARG B 73 -19.05 -1.91 21.66
N LEU B 74 -19.83 -2.49 20.74
CA LEU B 74 -20.35 -3.84 20.91
C LEU B 74 -19.26 -4.89 21.13
N LEU B 75 -18.08 -4.66 20.56
CA LEU B 75 -16.99 -5.62 20.68
C LEU B 75 -16.36 -5.65 22.07
N ARG B 76 -16.49 -4.56 22.82
CA ARG B 76 -15.91 -4.50 24.16
C ARG B 76 -16.48 -5.58 25.06
N GLU B 77 -17.79 -5.76 25.00
CA GLU B 77 -18.46 -6.84 25.72
C GLU B 77 -18.64 -8.05 24.81
N ASP B 78 -17.83 -9.07 25.02
CA ASP B 78 -17.78 -10.22 24.12
C ASP B 78 -19.17 -10.85 23.91
N HIS B 79 -19.73 -10.63 22.72
CA HIS B 79 -20.99 -11.25 22.32
C HIS B 79 -20.72 -12.64 21.77
N PRO B 80 -21.79 -13.46 21.68
CA PRO B 80 -21.73 -14.64 20.82
C PRO B 80 -21.99 -14.19 19.38
N ALA B 81 -22.17 -12.89 19.22
CA ALA B 81 -22.44 -12.28 17.91
C ALA B 81 -21.22 -11.52 17.39
N ARG B 82 -20.13 -11.56 18.14
CA ARG B 82 -18.89 -10.90 17.73
C ARG B 82 -18.49 -11.19 16.28
N PRO B 83 -18.48 -12.47 15.88
CA PRO B 83 -18.04 -12.86 14.53
C PRO B 83 -18.77 -12.13 13.41
N THR B 84 -20.10 -12.06 13.47
CA THR B 84 -20.88 -11.38 12.45
C THR B 84 -20.79 -9.85 12.57
N VAL B 85 -20.49 -9.35 13.76
CA VAL B 85 -20.22 -7.91 13.88
C VAL B 85 -18.90 -7.55 13.20
N GLU B 86 -17.83 -8.27 13.54
CA GLU B 86 -16.54 -8.05 12.90
C GLU B 86 -16.68 -8.16 11.39
N SER B 87 -17.51 -9.10 10.97
CA SER B 87 -17.76 -9.36 9.55
C SER B 87 -18.37 -8.16 8.82
N PHE B 88 -19.36 -7.53 9.46
CA PHE B 88 -20.03 -6.35 8.94
C PHE B 88 -19.09 -5.17 8.95
N GLN B 89 -18.29 -5.05 10.00
CA GLN B 89 -17.32 -3.98 10.08
C GLN B 89 -16.35 -4.07 8.91
N ALA B 90 -15.85 -5.27 8.65
CA ALA B 90 -14.91 -5.48 7.56
C ALA B 90 -15.57 -5.19 6.21
N ALA B 91 -16.84 -5.56 6.09
CA ALA B 91 -17.56 -5.38 4.84
C ALA B 91 -17.73 -3.90 4.53
N LEU B 92 -17.94 -3.10 5.57
CA LEU B 92 -18.12 -1.67 5.39
C LEU B 92 -16.82 -1.01 4.96
N GLN B 93 -15.73 -1.37 5.64
CA GLN B 93 -14.44 -0.81 5.29
C GLN B 93 -14.09 -1.17 3.85
N THR B 94 -14.25 -2.44 3.51
CA THR B 94 -13.93 -2.94 2.18
C THR B 94 -14.72 -2.22 1.09
N GLN B 95 -16.04 -2.20 1.23
CA GLN B 95 -16.91 -1.62 0.21
C GLN B 95 -16.73 -0.11 0.13
N TRP B 96 -16.52 0.52 1.27
CA TRP B 96 -16.26 1.96 1.28
C TRP B 96 -15.02 2.31 0.49
N SER B 97 -13.93 1.59 0.70
CA SER B 97 -12.69 1.90 -0.02
C SER B 97 -12.83 1.64 -1.53
N TRP B 98 -13.45 0.52 -1.85
CA TRP B 98 -13.64 0.11 -3.23
C TRP B 98 -14.51 1.15 -3.95
N MET B 99 -15.41 1.78 -3.21
CA MET B 99 -16.24 2.84 -3.75
C MET B 99 -15.37 4.00 -4.19
N LEU B 100 -14.47 4.43 -3.32
CA LEU B 100 -13.54 5.51 -3.62
C LEU B 100 -12.69 5.13 -4.84
N GLN B 101 -12.19 3.90 -4.87
CA GLN B 101 -11.44 3.44 -6.05
C GLN B 101 -12.23 3.55 -7.35
N LEU B 102 -13.49 3.11 -7.34
CA LEU B 102 -14.38 3.32 -8.48
C LEU B 102 -14.43 4.79 -8.88
N CYS B 103 -14.38 5.67 -7.88
CA CYS B 103 -14.34 7.10 -8.16
C CYS B 103 -13.09 7.53 -8.93
N CYS B 104 -11.95 6.95 -8.60
CA CYS B 104 -10.72 7.19 -9.33
C CYS B 104 -10.91 6.80 -10.80
N CYS B 105 -11.62 5.70 -11.02
CA CYS B 105 -11.93 5.26 -12.36
C CYS B 105 -12.76 6.30 -13.09
N ILE B 106 -13.78 6.81 -12.42
CA ILE B 106 -14.64 7.82 -13.04
C ILE B 106 -13.84 9.07 -13.39
N GLU B 107 -12.95 9.49 -12.50
CA GLU B 107 -12.12 10.68 -12.76
C GLU B 107 -11.36 10.52 -14.07
N ALA B 108 -10.65 9.39 -14.17
CA ALA B 108 -9.87 9.06 -15.34
C ALA B 108 -10.70 8.98 -16.61
N HIS B 109 -11.85 8.31 -16.52
CA HIS B 109 -12.66 8.10 -17.72
C HIS B 109 -13.29 9.40 -18.22
N LEU B 110 -13.79 10.21 -17.32
CA LEU B 110 -14.28 11.54 -17.69
C LEU B 110 -13.20 12.32 -18.43
N LYS B 111 -11.99 12.34 -17.87
CA LYS B 111 -10.90 13.12 -18.48
C LYS B 111 -10.63 12.68 -19.91
N GLU B 112 -10.15 11.45 -20.07
CA GLU B 112 -9.69 10.92 -21.34
C GLU B 112 -10.81 10.80 -22.37
N ASN B 113 -11.99 10.43 -21.91
CA ASN B 113 -13.16 10.26 -22.77
C ASN B 113 -13.68 11.59 -23.32
N ALA B 114 -13.78 12.58 -22.43
CA ALA B 114 -14.15 13.92 -22.84
C ALA B 114 -13.16 14.41 -23.88
N ALA B 115 -11.87 14.13 -23.65
CA ALA B 115 -10.83 14.53 -24.58
C ALA B 115 -10.96 13.84 -25.93
N TYR B 116 -11.38 12.58 -25.92
CA TYR B 116 -11.57 11.77 -27.12
C TYR B 116 -12.67 12.38 -27.99
N PHE B 117 -13.81 12.67 -27.37
CA PHE B 117 -14.94 13.23 -28.08
C PHE B 117 -14.63 14.61 -28.61
N GLN B 118 -13.91 15.40 -27.81
CA GLN B 118 -13.49 16.73 -28.20
C GLN B 118 -12.56 16.69 -29.41
N PHE B 119 -11.59 15.79 -29.38
CA PHE B 119 -10.66 15.58 -30.49
C PHE B 119 -11.40 15.26 -31.79
N PHE B 120 -12.27 14.26 -31.75
CA PHE B 120 -12.97 13.87 -32.98
C PHE B 120 -13.90 14.97 -33.50
N SER B 121 -14.50 15.71 -32.58
CA SER B 121 -15.29 16.87 -32.95
C SER B 121 -14.45 17.89 -33.70
N ASP B 122 -13.23 18.13 -33.22
CA ASP B 122 -12.31 19.06 -33.86
C ASP B 122 -11.88 18.56 -35.22
N VAL B 123 -11.79 17.25 -35.37
CA VAL B 123 -11.44 16.66 -36.67
C VAL B 123 -12.55 16.90 -37.67
N ARG B 124 -13.80 16.78 -37.22
CA ARG B 124 -14.94 17.07 -38.07
C ARG B 124 -14.97 18.55 -38.45
N GLU B 125 -14.65 19.41 -37.48
CA GLU B 125 -14.63 20.84 -37.75
C GLU B 125 -13.58 21.19 -38.79
N ALA B 126 -12.41 20.55 -38.70
CA ALA B 126 -11.31 20.82 -39.63
C ALA B 126 -11.63 20.32 -41.04
N GLU B 127 -12.14 19.10 -41.14
CA GLU B 127 -12.47 18.56 -42.45
C GLU B 127 -13.56 19.41 -43.10
N GLY B 128 -14.47 19.94 -42.29
CA GLY B 128 -15.50 20.84 -42.79
C GLY B 128 -14.92 22.01 -43.55
N GLN B 129 -13.97 22.70 -42.92
CA GLN B 129 -13.33 23.87 -43.49
C GLN B 129 -12.48 23.52 -44.71
N LEU B 130 -11.88 22.33 -44.71
CA LEU B 130 -11.18 21.89 -45.92
C LEU B 130 -12.16 21.70 -47.07
N GLN B 131 -13.37 21.23 -46.77
CA GLN B 131 -14.38 21.02 -47.78
C GLN B 131 -14.84 22.37 -48.35
N LYS B 132 -14.99 23.35 -47.47
CA LYS B 132 -15.33 24.72 -47.87
C LYS B 132 -14.27 25.27 -48.82
N LEU B 133 -13.01 25.04 -48.49
CA LEU B 133 -11.88 25.51 -49.28
C LEU B 133 -11.88 24.88 -50.68
N GLN B 134 -12.05 23.57 -50.71
CA GLN B 134 -12.09 22.84 -51.96
C GLN B 134 -13.21 23.39 -52.82
N GLU B 135 -14.35 23.65 -52.20
CA GLU B 135 -15.52 24.14 -52.91
C GLU B 135 -15.25 25.50 -53.54
N ALA B 136 -14.60 26.37 -52.78
CA ALA B 136 -14.21 27.68 -53.27
C ALA B 136 -13.32 27.56 -54.51
N LEU B 137 -12.30 26.71 -54.44
CA LEU B 137 -11.37 26.56 -55.55
C LEU B 137 -12.06 26.00 -56.79
N ARG B 138 -12.98 25.06 -56.57
CA ARG B 138 -13.74 24.46 -57.65
C ARG B 138 -14.61 25.51 -58.34
N ARG B 139 -15.13 26.45 -57.56
CA ARG B 139 -15.86 27.57 -58.14
C ARG B 139 -14.94 28.49 -58.95
N LYS B 140 -13.71 28.67 -58.50
CA LYS B 140 -12.75 29.49 -59.25
C LYS B 140 -12.42 28.90 -60.61
N TYR B 141 -12.30 27.57 -60.69
CA TYR B 141 -11.95 26.97 -61.97
C TYR B 141 -13.13 26.49 -62.82
N SER B 142 -14.35 26.66 -62.30
CA SER B 142 -15.55 26.24 -63.03
C SER B 142 -16.35 27.39 -63.61
N CYS B 143 -16.61 28.40 -62.79
CA CYS B 143 -17.50 29.50 -63.19
C CYS B 143 -16.88 30.45 -64.22
N ASP B 144 -17.74 31.26 -64.83
CA ASP B 144 -17.35 32.16 -65.91
C ASP B 144 -16.71 33.44 -65.37
N ARG B 145 -15.39 33.56 -65.57
CA ARG B 145 -14.64 34.72 -65.10
C ARG B 145 -14.49 35.75 -66.21
N SER B 146 -15.42 35.77 -67.13
CA SER B 146 -15.32 36.65 -68.30
C SER B 146 -15.76 38.08 -67.99
N ALA B 147 -16.88 38.23 -67.30
CA ALA B 147 -17.42 39.55 -66.98
C ALA B 147 -16.40 40.42 -66.25
N THR B 148 -16.31 41.69 -66.66
CA THR B 148 -15.32 42.61 -66.09
C THR B 148 -15.42 42.68 -64.57
N VAL B 149 -16.63 42.51 -64.03
CA VAL B 149 -16.82 42.52 -62.59
C VAL B 149 -15.99 41.42 -61.94
N THR B 150 -16.01 40.25 -62.57
CA THR B 150 -15.25 39.10 -62.08
C THR B 150 -13.75 39.36 -62.16
N ARG B 151 -13.29 40.00 -63.22
CA ARG B 151 -11.86 40.22 -63.41
C ARG B 151 -11.33 41.23 -62.39
N LEU B 152 -12.13 42.27 -62.15
CA LEU B 152 -11.81 43.26 -61.14
C LEU B 152 -11.75 42.63 -59.77
N GLU B 153 -12.71 41.75 -59.47
CA GLU B 153 -12.71 41.00 -58.22
C GLU B 153 -11.40 40.24 -58.05
N ASP B 154 -10.92 39.59 -59.11
CA ASP B 154 -9.66 38.84 -59.06
C ASP B 154 -8.47 39.75 -58.79
N LEU B 155 -8.48 40.93 -59.40
CA LEU B 155 -7.42 41.91 -59.17
C LEU B 155 -7.41 42.40 -57.72
N LEU B 156 -8.60 42.54 -57.15
CA LEU B 156 -8.74 43.02 -55.77
C LEU B 156 -8.38 41.96 -54.76
N GLN B 157 -8.13 40.74 -55.23
CA GLN B 157 -7.88 39.59 -54.37
C GLN B 157 -6.40 39.32 -54.11
N ASP B 158 -6.06 39.23 -52.83
CA ASP B 158 -4.70 38.97 -52.37
C ASP B 158 -4.39 37.47 -52.24
N ALA B 159 -3.89 36.89 -53.33
CA ALA B 159 -3.52 35.48 -53.36
C ALA B 159 -2.55 35.17 -52.24
N GLN B 160 -1.74 36.15 -51.88
CA GLN B 160 -0.78 35.99 -50.80
C GLN B 160 -1.50 35.78 -49.47
N ASP B 161 -2.62 36.47 -49.28
CA ASP B 161 -3.41 36.30 -48.08
C ASP B 161 -4.03 34.90 -48.05
N GLU B 162 -4.51 34.43 -49.20
CA GLU B 162 -5.04 33.06 -49.27
C GLU B 162 -3.97 32.01 -48.95
N LYS B 163 -2.74 32.26 -49.43
CA LYS B 163 -1.63 31.35 -49.19
C LYS B 163 -1.23 31.32 -47.72
N GLU B 164 -1.31 32.47 -47.06
CA GLU B 164 -1.00 32.53 -45.64
C GLU B 164 -2.07 31.80 -44.81
N GLN B 165 -3.32 31.87 -45.25
CA GLN B 165 -4.40 31.09 -44.65
C GLN B 165 -4.06 29.61 -44.69
N LEU B 166 -3.65 29.16 -45.88
CA LEU B 166 -3.23 27.77 -46.06
C LEU B 166 -2.09 27.35 -45.13
N ASN B 167 -1.06 28.19 -45.00
CA ASN B 167 0.05 27.88 -44.10
C ASN B 167 -0.40 27.73 -42.65
N GLU B 168 -1.17 28.71 -42.19
CA GLU B 168 -1.73 28.67 -40.84
C GLU B 168 -2.44 27.36 -40.61
N TYR B 169 -3.19 26.91 -41.61
CA TYR B 169 -3.96 25.69 -41.47
C TYR B 169 -3.05 24.45 -41.38
N LYS B 170 -1.94 24.50 -42.10
CA LYS B 170 -0.94 23.44 -42.01
C LYS B 170 -0.50 23.30 -40.55
N GLY B 171 -0.23 24.42 -39.91
CA GLY B 171 0.17 24.41 -38.50
C GLY B 171 -0.88 23.83 -37.55
N HIS B 172 -2.13 24.22 -37.78
CA HIS B 172 -3.25 23.73 -36.99
C HIS B 172 -3.31 22.20 -37.10
N LEU B 173 -3.18 21.70 -38.32
CA LEU B 173 -3.20 20.27 -38.59
C LEU B 173 -2.07 19.53 -37.87
N SER B 174 -0.90 20.15 -37.81
CA SER B 174 0.23 19.59 -37.06
C SER B 174 -0.15 19.44 -35.58
N GLY B 175 -0.78 20.47 -35.02
CA GLY B 175 -1.25 20.43 -33.65
C GLY B 175 -2.19 19.27 -33.41
N LEU B 176 -3.09 19.05 -34.36
CA LEU B 176 -4.02 17.91 -34.29
C LEU B 176 -3.32 16.55 -34.33
N ALA B 177 -2.30 16.43 -35.16
CA ALA B 177 -1.55 15.18 -35.25
C ALA B 177 -0.89 14.87 -33.91
N LYS B 178 -0.36 15.91 -33.27
CA LYS B 178 0.28 15.73 -31.97
C LYS B 178 -0.74 15.27 -30.93
N ARG B 179 -1.92 15.87 -30.95
CA ARG B 179 -2.97 15.51 -30.00
C ARG B 179 -3.49 14.09 -30.21
N ALA B 180 -3.51 13.64 -31.46
CA ALA B 180 -4.01 12.30 -31.80
C ALA B 180 -3.13 11.21 -31.21
N LYS B 181 -1.84 11.49 -31.05
CA LYS B 181 -0.91 10.51 -30.48
C LYS B 181 -1.22 10.16 -29.01
N ALA B 182 -2.10 10.94 -28.38
CA ALA B 182 -2.41 10.77 -26.96
C ALA B 182 -3.89 10.45 -26.68
N VAL B 183 -4.68 10.35 -27.73
CA VAL B 183 -6.09 9.97 -27.60
C VAL B 183 -6.22 8.49 -27.29
N VAL B 184 -7.00 8.17 -26.25
CA VAL B 184 -7.21 6.78 -25.84
C VAL B 184 -8.10 6.02 -26.81
N GLN B 185 -8.30 4.72 -26.57
CA GLN B 185 -9.19 3.93 -27.39
C GLN B 185 -10.50 3.68 -26.68
N LEU B 186 -11.61 3.98 -27.35
CA LEU B 186 -12.93 3.85 -26.75
C LEU B 186 -13.78 2.80 -27.43
N LYS B 187 -13.57 2.60 -28.73
CA LYS B 187 -14.34 1.62 -29.47
C LYS B 187 -14.07 0.19 -28.98
N PRO B 188 -12.79 -0.14 -28.73
CA PRO B 188 -12.43 -1.49 -28.27
C PRO B 188 -12.92 -1.85 -26.86
N ARG B 189 -13.81 -1.05 -26.26
CA ARG B 189 -14.30 -1.35 -24.91
C ARG B 189 -15.59 -2.14 -24.94
N HIS B 190 -16.29 -2.10 -26.07
CA HIS B 190 -17.55 -2.80 -26.23
C HIS B 190 -17.33 -4.31 -26.39
N PRO B 191 -18.24 -5.13 -25.84
CA PRO B 191 -18.10 -6.58 -25.99
C PRO B 191 -18.25 -7.04 -27.44
N ALA B 192 -18.71 -6.14 -28.31
CA ALA B 192 -18.89 -6.48 -29.72
C ALA B 192 -17.67 -6.09 -30.56
N HIS B 193 -16.50 -6.18 -29.96
CA HIS B 193 -15.24 -5.83 -30.64
C HIS B 193 -14.35 -7.06 -30.84
N PRO B 194 -13.70 -7.17 -32.01
CA PRO B 194 -12.77 -8.26 -32.31
C PRO B 194 -11.74 -8.51 -31.21
N ARG B 198 -3.91 -9.01 -28.64
CA ARG B 198 -4.13 -8.60 -27.25
C ARG B 198 -3.93 -7.09 -27.10
N LEU B 199 -4.70 -6.48 -26.19
CA LEU B 199 -4.67 -5.03 -26.00
C LEU B 199 -3.84 -4.58 -24.80
N PRO B 200 -3.19 -3.42 -24.93
CA PRO B 200 -2.54 -2.79 -23.79
C PRO B 200 -3.58 -2.15 -22.87
N LEU B 201 -3.44 -2.36 -21.57
CA LEU B 201 -4.36 -1.80 -20.59
C LEU B 201 -3.59 -1.02 -19.53
N LEU B 202 -4.12 0.13 -19.15
CA LEU B 202 -3.53 0.90 -18.06
C LEU B 202 -4.48 0.93 -16.86
N ALA B 203 -4.03 0.46 -15.72
CA ALA B 203 -4.88 0.47 -14.53
C ALA B 203 -5.04 1.89 -13.97
N VAL B 204 -6.29 2.30 -13.74
CA VAL B 204 -6.55 3.62 -13.19
C VAL B 204 -7.02 3.61 -11.73
N CYS B 205 -6.85 2.47 -11.06
CA CYS B 205 -7.20 2.35 -9.64
C CYS B 205 -6.61 1.08 -9.01
N ASP B 206 -6.77 0.94 -7.69
CA ASP B 206 -6.34 -0.26 -6.98
C ASP B 206 -7.45 -1.31 -6.93
N TYR B 207 -7.15 -2.49 -7.47
CA TYR B 207 -8.05 -3.62 -7.35
C TYR B 207 -7.35 -4.68 -6.53
N LYS B 208 -8.06 -5.37 -5.66
CA LYS B 208 -7.39 -6.25 -4.71
C LYS B 208 -8.22 -7.47 -4.36
N GLN B 209 -7.77 -8.64 -4.81
CA GLN B 209 -8.42 -9.88 -4.42
C GLN B 209 -7.46 -11.06 -4.31
N VAL B 210 -8.00 -12.20 -3.88
CA VAL B 210 -7.20 -13.41 -3.66
C VAL B 210 -6.28 -13.75 -4.82
N GLU B 211 -6.86 -14.08 -5.97
CA GLU B 211 -6.08 -14.48 -7.13
C GLU B 211 -5.14 -13.38 -7.63
N VAL B 212 -5.63 -12.15 -7.68
CA VAL B 212 -4.86 -11.04 -8.27
C VAL B 212 -4.98 -9.72 -7.52
N THR B 213 -3.91 -8.92 -7.64
CA THR B 213 -3.89 -7.54 -7.13
C THR B 213 -3.40 -6.59 -8.21
N VAL B 214 -4.19 -5.55 -8.46
CA VAL B 214 -3.85 -4.52 -9.44
C VAL B 214 -3.60 -3.19 -8.74
N HIS B 215 -2.52 -2.50 -9.12
CA HIS B 215 -2.22 -1.19 -8.57
C HIS B 215 -2.42 -0.06 -9.59
N LYS B 216 -2.74 1.13 -9.10
CA LYS B 216 -2.92 2.29 -9.97
C LYS B 216 -1.64 2.47 -10.79
N GLY B 217 -1.80 2.50 -12.11
CA GLY B 217 -0.67 2.66 -12.99
C GLY B 217 -0.15 1.35 -13.55
N ASP B 218 -0.48 0.24 -12.89
CA ASP B 218 -0.09 -1.07 -13.40
C ASP B 218 -0.43 -1.20 -14.88
N GLU B 219 0.54 -1.70 -15.64
CA GLU B 219 0.39 -1.91 -17.08
C GLU B 219 0.02 -3.38 -17.31
N CYS B 220 -1.14 -3.60 -17.91
CA CYS B 220 -1.67 -4.96 -18.07
C CYS B 220 -2.02 -5.27 -19.52
N GLN B 221 -2.41 -6.52 -19.76
CA GLN B 221 -2.87 -6.92 -21.08
C GLN B 221 -4.30 -7.40 -21.02
N LEU B 222 -5.12 -6.95 -21.97
CA LEU B 222 -6.46 -7.48 -22.09
C LEU B 222 -6.43 -8.81 -22.82
N VAL B 223 -7.05 -9.82 -22.21
CA VAL B 223 -7.09 -11.16 -22.79
C VAL B 223 -8.43 -11.45 -23.45
N GLY B 224 -9.52 -11.27 -22.71
CA GLY B 224 -10.83 -11.50 -23.31
C GLY B 224 -12.02 -11.36 -22.39
N PRO B 225 -13.21 -11.14 -22.97
CA PRO B 225 -14.42 -10.86 -22.19
C PRO B 225 -14.76 -11.99 -21.22
N ALA B 226 -14.98 -11.64 -19.97
CA ALA B 226 -15.45 -12.59 -18.97
C ALA B 226 -16.94 -12.36 -18.78
N GLN B 227 -17.42 -12.47 -17.55
CA GLN B 227 -18.80 -12.15 -17.25
C GLN B 227 -19.00 -10.67 -17.52
N PRO B 228 -20.21 -10.28 -17.96
CA PRO B 228 -20.53 -8.88 -18.24
C PRO B 228 -19.77 -7.89 -17.36
N SER B 229 -19.15 -6.89 -17.98
CA SER B 229 -18.48 -5.80 -17.27
C SER B 229 -17.11 -6.20 -16.72
N HIS B 230 -16.71 -7.44 -16.98
CA HIS B 230 -15.40 -7.94 -16.55
C HIS B 230 -14.55 -8.40 -17.73
N TRP B 231 -13.24 -8.31 -17.54
CA TRP B 231 -12.28 -8.75 -18.54
C TRP B 231 -11.30 -9.74 -17.91
N LYS B 232 -11.01 -10.80 -18.64
CA LYS B 232 -9.89 -11.66 -18.30
C LYS B 232 -8.64 -10.99 -18.84
N VAL B 233 -7.77 -10.57 -17.91
CA VAL B 233 -6.56 -9.83 -18.22
C VAL B 233 -5.31 -10.42 -17.58
N LEU B 234 -4.16 -9.98 -18.08
CA LEU B 234 -2.86 -10.40 -17.59
C LEU B 234 -2.11 -9.25 -16.94
N SER B 235 -1.73 -9.42 -15.67
CA SER B 235 -0.86 -8.48 -15.00
C SER B 235 0.56 -8.83 -15.41
N SER B 236 1.43 -7.83 -15.55
CA SER B 236 2.78 -8.10 -16.04
C SER B 236 3.55 -9.08 -15.14
N SER B 237 2.92 -9.45 -14.02
CA SER B 237 3.52 -10.38 -13.08
C SER B 237 3.46 -11.82 -13.57
N GLY B 238 2.78 -12.02 -14.69
CA GLY B 238 2.51 -13.36 -15.21
C GLY B 238 1.19 -13.89 -14.69
N SER B 239 0.51 -13.08 -13.90
CA SER B 239 -0.75 -13.48 -13.25
C SER B 239 -1.97 -13.06 -14.05
N GLU B 240 -2.87 -14.02 -14.30
CA GLU B 240 -4.04 -13.78 -15.15
C GLU B 240 -5.34 -13.92 -14.36
N ALA B 241 -6.24 -12.95 -14.52
CA ALA B 241 -7.51 -12.97 -13.79
C ALA B 241 -8.57 -12.04 -14.38
N ALA B 242 -9.81 -12.20 -13.91
CA ALA B 242 -10.91 -11.38 -14.38
C ALA B 242 -11.16 -10.17 -13.48
N VAL B 243 -11.13 -8.98 -14.08
CA VAL B 243 -11.24 -7.72 -13.36
C VAL B 243 -12.30 -6.84 -14.01
N PRO B 244 -12.99 -5.99 -13.22
CA PRO B 244 -13.97 -5.07 -13.79
C PRO B 244 -13.36 -4.10 -14.79
N SER B 245 -13.95 -4.08 -15.99
CA SER B 245 -13.46 -3.25 -17.09
C SER B 245 -13.22 -1.79 -16.70
N VAL B 246 -13.97 -1.29 -15.71
CA VAL B 246 -13.81 0.11 -15.28
C VAL B 246 -12.43 0.41 -14.70
N CYS B 247 -11.70 -0.61 -14.27
CA CYS B 247 -10.40 -0.38 -13.64
C CYS B 247 -9.33 -0.02 -14.67
N PHE B 248 -9.67 -0.07 -15.95
CA PHE B 248 -8.65 0.04 -16.99
C PHE B 248 -8.94 1.05 -18.08
N LEU B 249 -7.89 1.77 -18.46
CA LEU B 249 -7.90 2.54 -19.69
C LEU B 249 -7.32 1.67 -20.79
N VAL B 250 -7.82 1.85 -22.01
CA VAL B 250 -7.14 1.33 -23.17
C VAL B 250 -6.30 2.46 -23.77
N PRO B 251 -5.00 2.44 -23.46
CA PRO B 251 -4.10 3.56 -23.77
C PRO B 251 -3.91 3.68 -25.26
N PRO B 252 -3.30 4.80 -25.69
CA PRO B 252 -2.87 4.98 -27.08
C PRO B 252 -1.93 3.85 -27.50
N PRO B 253 -1.66 3.72 -28.81
CA PRO B 253 -2.11 4.62 -29.87
C PRO B 253 -3.51 4.31 -30.39
N ASN B 254 -4.28 5.37 -30.63
CA ASN B 254 -5.53 5.23 -31.37
C ASN B 254 -5.25 5.40 -32.86
N GLN B 255 -5.31 4.29 -33.59
CA GLN B 255 -5.03 4.30 -35.01
C GLN B 255 -6.11 5.02 -35.80
N GLU B 256 -7.36 4.96 -35.34
CA GLU B 256 -8.41 5.68 -36.05
C GLU B 256 -8.11 7.18 -36.05
N ALA B 257 -7.77 7.70 -34.86
CA ALA B 257 -7.43 9.11 -34.68
C ALA B 257 -6.23 9.54 -35.51
N GLN B 258 -5.13 8.80 -35.39
CA GLN B 258 -3.92 9.18 -36.12
C GLN B 258 -4.11 9.17 -37.63
N GLU B 259 -4.79 8.13 -38.13
CA GLU B 259 -5.09 8.00 -39.56
C GLU B 259 -6.05 9.08 -40.02
N ALA B 260 -6.91 9.54 -39.11
CA ALA B 260 -7.84 10.62 -39.43
C ALA B 260 -7.08 11.93 -39.67
N VAL B 261 -6.14 12.22 -38.79
CA VAL B 261 -5.34 13.44 -38.95
C VAL B 261 -4.44 13.34 -40.19
N THR B 262 -3.93 12.16 -40.47
CA THR B 262 -3.12 11.97 -41.67
C THR B 262 -3.94 12.20 -42.93
N ARG B 263 -5.19 11.73 -42.91
CA ARG B 263 -6.12 11.91 -44.01
C ARG B 263 -6.33 13.40 -44.25
N LEU B 264 -6.53 14.14 -43.16
CA LEU B 264 -6.65 15.59 -43.22
C LEU B 264 -5.43 16.25 -43.86
N GLU B 265 -4.24 15.87 -43.43
CA GLU B 265 -3.02 16.46 -43.93
C GLU B 265 -2.86 16.20 -45.43
N ALA B 266 -3.24 15.01 -45.88
CA ALA B 266 -3.14 14.68 -47.30
C ALA B 266 -4.12 15.50 -48.14
N GLN B 267 -5.35 15.64 -47.65
CA GLN B 267 -6.36 16.41 -48.36
C GLN B 267 -5.95 17.87 -48.46
N HIS B 268 -5.38 18.38 -47.37
CA HIS B 268 -4.90 19.75 -47.34
C HIS B 268 -3.74 19.96 -48.31
N GLN B 269 -2.81 19.00 -48.38
CA GLN B 269 -1.71 19.09 -49.32
C GLN B 269 -2.22 19.13 -50.75
N ALA B 270 -3.28 18.37 -51.01
CA ALA B 270 -3.91 18.37 -52.32
C ALA B 270 -4.50 19.73 -52.64
N LEU B 271 -5.17 20.34 -51.66
CA LEU B 271 -5.79 21.65 -51.88
C LEU B 271 -4.76 22.74 -52.10
N VAL B 272 -3.64 22.67 -51.39
CA VAL B 272 -2.56 23.61 -51.58
C VAL B 272 -1.99 23.49 -52.99
N THR B 273 -1.78 22.25 -53.42
CA THR B 273 -1.30 21.97 -54.77
C THR B 273 -2.23 22.58 -55.81
N LEU B 274 -3.53 22.39 -55.62
CA LEU B 274 -4.53 22.92 -56.54
C LEU B 274 -4.45 24.44 -56.59
N TRP B 275 -4.29 25.04 -55.42
CA TRP B 275 -4.23 26.49 -55.30
C TRP B 275 -3.06 27.02 -56.10
N HIS B 276 -1.88 26.42 -55.89
CA HIS B 276 -0.68 26.82 -56.61
C HIS B 276 -0.83 26.64 -58.11
N GLN B 277 -1.55 25.60 -58.52
CA GLN B 277 -1.75 25.35 -59.95
C GLN B 277 -2.61 26.43 -60.56
N LEU B 278 -3.52 26.98 -59.76
CA LEU B 278 -4.43 28.02 -60.24
C LEU B 278 -3.79 29.40 -60.19
N HIS B 279 -2.80 29.58 -59.31
CA HIS B 279 -2.26 30.91 -59.08
C HIS B 279 -0.82 31.16 -59.57
N VAL B 280 -0.16 30.13 -60.11
CA VAL B 280 1.20 30.28 -60.61
C VAL B 280 1.49 29.31 -61.75
CA CA C . 20.13 21.72 -15.18
CA CA D . -5.64 38.08 -57.43
#